data_4DBH
#
_entry.id   4DBH
#
_cell.length_a   46.040
_cell.length_b   67.240
_cell.length_c   168.566
_cell.angle_alpha   90.00
_cell.angle_beta   90.00
_cell.angle_gamma   90.00
#
_symmetry.space_group_name_H-M   'P 21 21 21'
#
loop_
_entity.id
_entity.type
_entity.pdbx_description
1 polymer '2-HYDROXYHEPTA-2,4-DIENE-1,7-DIOATE ISOMERASE'
2 non-polymer 'MAGNESIUM ION'
3 non-polymer 'OXALATE ION'
4 water water
#
_entity_poly.entity_id   1
_entity_poly.type   'polypeptide(L)'
_entity_poly.pdbx_seq_one_letter_code
;MGSSHHHHHHSSGLVPRGSHMRFGRIATPDGMCFCSIEGEGDDVANLTAREIEGTPFTEPKFTGREWPLKDVRLLAPMLP
SKVVAIGRNYADHVAEVFKKSAESLPPTLFLKPPTAVTGPESPIRIPSFATKVEFEGELAVVIGKPCKNVKADDWKSVVL
GFTIINDVSSRDLQFADGQWARAKGIDTFGPIGPWIETDINSIDLDNLPIKARLTHDGETQLKQDSNSNQMIMKMGEIIE
FITASMTLLPGDVIATGSPAGTEAMVDGDYIEIEIPGIGKLGNPVVDA
;
_entity_poly.pdbx_strand_id   A,B
#
loop_
_chem_comp.id
_chem_comp.type
_chem_comp.name
_chem_comp.formula
MG non-polymer 'MAGNESIUM ION' 'Mg 2'
OXL non-polymer 'OXALATE ION' 'C2 O4 -2'
#
# COMPACT_ATOMS: atom_id res chain seq x y z
N HIS A 20 -9.63 25.29 10.88
CA HIS A 20 -9.72 25.83 9.58
C HIS A 20 -8.38 26.22 9.06
N MET A 21 -7.27 25.71 9.54
CA MET A 21 -6.08 26.07 8.84
C MET A 21 -5.80 25.27 7.57
N ARG A 22 -4.79 25.70 6.84
CA ARG A 22 -4.23 24.94 5.76
C ARG A 22 -2.90 24.41 6.30
N PHE A 23 -2.77 23.11 6.32
CA PHE A 23 -1.58 22.44 6.78
C PHE A 23 -0.63 21.99 5.68
N GLY A 24 0.62 22.30 5.84
CA GLY A 24 1.65 21.87 4.94
C GLY A 24 2.78 21.11 5.60
N ARG A 25 3.68 20.60 4.78
CA ARG A 25 4.97 20.14 5.20
C ARG A 25 6.05 20.78 4.37
N ILE A 26 7.10 21.18 5.06
CA ILE A 26 8.20 21.90 4.47
C ILE A 26 9.59 21.41 4.87
N ALA A 27 10.52 21.46 3.92
CA ALA A 27 11.93 21.28 4.18
C ALA A 27 12.58 22.67 4.26
N THR A 28 13.15 22.99 5.39
CA THR A 28 13.70 24.32 5.62
C THR A 28 15.20 24.34 5.65
N PRO A 29 15.76 25.52 5.46
CA PRO A 29 17.19 25.70 5.70
C PRO A 29 17.50 25.31 7.11
N ASP A 30 16.51 24.84 7.84
CA ASP A 30 16.78 24.14 9.07
C ASP A 30 16.62 22.62 8.82
N GLY A 31 15.40 22.13 8.92
CA GLY A 31 15.04 20.74 8.75
C GLY A 31 13.70 20.57 8.04
N MET A 32 12.92 19.56 8.41
CA MET A 32 11.52 19.42 7.92
C MET A 32 10.54 19.62 9.06
N CYS A 33 9.42 20.25 8.79
CA CYS A 33 8.41 20.40 9.78
C CYS A 33 7.02 20.52 9.17
N PHE A 34 6.03 20.32 10.00
CA PHE A 34 4.65 20.66 9.75
C PHE A 34 4.51 22.16 9.94
N CYS A 35 3.60 22.72 9.19
CA CYS A 35 3.35 24.11 9.22
C CYS A 35 1.94 24.49 8.82
N SER A 36 1.42 25.64 9.13
CA SER A 36 0.30 26.39 8.69
C SER A 36 0.76 27.30 7.55
N ILE A 37 -0.09 27.35 6.60
CA ILE A 37 0.23 28.12 5.43
C ILE A 37 -0.67 29.34 5.43
N GLU A 38 -0.06 30.50 5.49
CA GLU A 38 -0.81 31.73 5.59
C GLU A 38 -0.59 32.75 4.47
N GLY A 39 -1.67 33.37 4.10
CA GLY A 39 -1.66 34.38 3.08
C GLY A 39 -2.68 34.29 1.97
N GLU A 40 -2.58 35.24 1.06
CA GLU A 40 -3.54 35.40 -0.01
C GLU A 40 -3.04 34.68 -1.25
N GLY A 41 -3.94 34.15 -2.03
CA GLY A 41 -3.51 33.39 -3.16
C GLY A 41 -3.39 31.90 -2.90
N ASP A 42 -3.00 31.27 -3.97
CA ASP A 42 -2.60 29.92 -4.03
C ASP A 42 -1.31 30.07 -4.77
N ASP A 43 -0.76 31.30 -4.78
CA ASP A 43 0.61 31.64 -5.24
C ASP A 43 1.66 31.89 -4.13
N VAL A 44 2.86 31.32 -4.28
CA VAL A 44 3.84 31.09 -3.20
C VAL A 44 4.65 32.28 -2.71
N ALA A 45 4.86 33.28 -3.55
CA ALA A 45 5.54 34.47 -3.10
C ALA A 45 4.64 35.35 -2.28
N ASN A 46 3.38 35.05 -2.25
CA ASN A 46 2.54 35.80 -1.40
C ASN A 46 2.25 35.12 -0.07
N LEU A 47 2.93 34.00 0.16
CA LEU A 47 2.56 33.09 1.25
C LEU A 47 3.67 32.88 2.24
N THR A 48 3.24 32.50 3.42
CA THR A 48 4.05 32.35 4.58
C THR A 48 3.80 31.01 5.29
N ALA A 49 4.86 30.31 5.60
CA ALA A 49 4.81 29.06 6.33
C ALA A 49 5.09 29.33 7.81
N ARG A 50 4.20 28.94 8.67
CA ARG A 50 4.33 29.09 10.09
C ARG A 50 4.49 27.74 10.76
N GLU A 51 5.68 27.49 11.25
CA GLU A 51 5.99 26.30 12.01
C GLU A 51 5.06 26.03 13.20
N ILE A 52 4.61 24.79 13.29
CA ILE A 52 3.89 24.27 14.42
C ILE A 52 4.74 23.22 15.10
N GLU A 53 4.56 23.03 16.39
CA GLU A 53 5.38 22.10 17.10
C GLU A 53 5.04 20.66 16.84
N GLY A 54 3.78 20.36 16.65
CA GLY A 54 3.38 18.99 16.47
C GLY A 54 2.98 18.63 15.04
N THR A 55 1.84 17.98 14.92
CA THR A 55 1.28 17.56 13.64
C THR A 55 -0.11 18.17 13.44
N PRO A 56 -0.70 17.96 12.27
CA PRO A 56 -2.02 18.51 11.97
C PRO A 56 -3.15 17.82 12.74
N PHE A 57 -2.87 16.77 13.47
CA PHE A 57 -3.92 16.07 14.15
C PHE A 57 -4.27 16.59 15.55
N THR A 58 -3.43 17.39 16.14
CA THR A 58 -3.78 18.00 17.41
C THR A 58 -3.81 19.50 17.35
N GLU A 59 -4.07 20.11 18.48
CA GLU A 59 -4.26 21.53 18.50
C GLU A 59 -2.92 22.19 18.12
N PRO A 60 -2.95 23.09 17.16
CA PRO A 60 -1.69 23.67 16.71
C PRO A 60 -1.03 24.63 17.70
N LYS A 61 0.23 24.40 18.01
CA LYS A 61 1.09 25.28 18.78
C LYS A 61 2.20 25.83 17.89
N PHE A 62 2.20 27.13 17.67
CA PHE A 62 3.22 27.73 16.85
C PHE A 62 4.53 27.93 17.58
N THR A 63 5.59 27.55 16.93
CA THR A 63 6.91 27.73 17.51
C THR A 63 7.40 29.20 17.46
N GLY A 64 6.82 29.99 16.58
CA GLY A 64 7.31 31.31 16.31
C GLY A 64 8.25 31.42 15.11
N ARG A 65 8.71 30.31 14.55
CA ARG A 65 9.48 30.34 13.34
C ARG A 65 8.57 30.46 12.14
N GLU A 66 8.90 31.35 11.24
CA GLU A 66 8.15 31.50 10.03
C GLU A 66 9.07 31.75 8.83
N TRP A 67 8.65 31.37 7.63
CA TRP A 67 9.41 31.60 6.42
C TRP A 67 8.55 31.99 5.25
N PRO A 68 9.06 32.82 4.40
CA PRO A 68 8.38 33.03 3.15
C PRO A 68 8.36 31.70 2.44
N LEU A 69 7.22 31.31 1.95
CA LEU A 69 7.09 30.04 1.29
C LEU A 69 8.03 29.87 0.13
N LYS A 70 8.42 30.96 -0.51
CA LYS A 70 9.39 30.87 -1.59
C LYS A 70 10.78 30.47 -1.20
N ASP A 71 11.10 30.59 0.06
CA ASP A 71 12.40 30.25 0.59
C ASP A 71 12.57 28.86 1.10
N VAL A 72 11.51 28.07 1.10
CA VAL A 72 11.54 26.73 1.64
C VAL A 72 10.96 25.81 0.60
N ARG A 73 11.08 24.52 0.80
CA ARG A 73 10.51 23.57 -0.11
C ARG A 73 9.25 22.99 0.48
N LEU A 74 8.21 23.09 -0.28
CA LEU A 74 6.94 22.51 0.03
C LEU A 74 6.93 21.04 -0.34
N LEU A 75 6.72 20.19 0.65
CA LEU A 75 6.60 18.77 0.50
C LEU A 75 5.16 18.25 0.37
N ALA A 76 4.99 16.97 0.06
CA ALA A 76 3.70 16.34 0.18
C ALA A 76 3.31 16.66 1.66
N PRO A 77 2.06 17.04 1.91
CA PRO A 77 1.62 17.50 3.25
C PRO A 77 1.42 16.38 4.27
N MET A 78 1.61 15.18 3.79
CA MET A 78 1.46 14.04 4.60
C MET A 78 2.30 12.87 4.07
N LEU A 79 2.83 12.07 4.97
CA LEU A 79 3.34 10.77 4.64
C LEU A 79 2.32 9.69 5.00
N PRO A 80 1.46 9.34 4.08
CA PRO A 80 0.39 8.40 4.39
C PRO A 80 0.82 6.95 4.59
N SER A 81 0.14 6.21 5.47
CA SER A 81 0.43 4.80 5.65
C SER A 81 0.05 4.04 4.37
N LYS A 82 -1.00 4.53 3.73
CA LYS A 82 -1.49 4.02 2.46
C LYS A 82 -2.29 5.05 1.70
N VAL A 83 -2.36 4.86 0.40
CA VAL A 83 -3.14 5.67 -0.47
C VAL A 83 -4.18 4.78 -1.18
N VAL A 84 -5.42 4.96 -0.83
CA VAL A 84 -6.51 4.18 -1.35
C VAL A 84 -7.25 4.97 -2.41
N ALA A 85 -7.41 4.37 -3.56
CA ALA A 85 -7.93 5.04 -4.71
C ALA A 85 -9.16 4.41 -5.27
N ILE A 86 -10.13 5.22 -5.63
CA ILE A 86 -11.26 4.78 -6.42
C ILE A 86 -10.99 5.01 -7.95
N GLY A 87 -10.90 3.94 -8.70
CA GLY A 87 -10.80 4.02 -10.14
C GLY A 87 -12.18 3.99 -10.83
N ARG A 88 -12.24 4.53 -12.03
CA ARG A 88 -13.43 4.52 -12.83
C ARG A 88 -14.61 5.18 -12.11
N ASN A 89 -14.39 6.35 -11.57
CA ASN A 89 -15.41 7.08 -10.86
C ASN A 89 -16.04 8.25 -11.64
N TYR A 90 -15.54 8.49 -12.83
CA TYR A 90 -16.03 9.50 -13.72
C TYR A 90 -16.33 8.85 -15.10
N ALA A 91 -17.59 8.89 -15.48
CA ALA A 91 -18.10 8.11 -16.60
C ALA A 91 -17.35 8.42 -17.88
N ASP A 92 -17.12 9.68 -18.18
CA ASP A 92 -16.46 10.02 -19.40
C ASP A 92 -14.97 9.62 -19.39
N HIS A 93 -14.38 9.59 -18.21
CA HIS A 93 -13.03 9.15 -18.04
C HIS A 93 -12.94 7.69 -18.37
N VAL A 94 -13.90 6.89 -17.92
CA VAL A 94 -13.93 5.50 -18.31
C VAL A 94 -13.96 5.33 -19.86
N ALA A 95 -14.80 6.11 -20.48
CA ALA A 95 -15.01 6.14 -21.91
C ALA A 95 -13.69 6.40 -22.64
N GLU A 96 -13.02 7.47 -22.29
CA GLU A 96 -11.81 7.85 -22.97
C GLU A 96 -10.65 6.89 -22.76
N VAL A 97 -10.58 6.31 -21.58
CA VAL A 97 -9.49 5.45 -21.25
C VAL A 97 -9.66 4.01 -21.74
N PHE A 98 -10.81 3.42 -21.46
CA PHE A 98 -11.09 2.02 -21.69
C PHE A 98 -11.89 1.77 -22.99
N LYS A 99 -12.38 2.82 -23.56
CA LYS A 99 -13.16 2.77 -24.78
C LYS A 99 -14.42 1.95 -24.61
N LYS A 100 -15.04 2.13 -23.47
CA LYS A 100 -16.27 1.46 -23.13
C LYS A 100 -17.04 2.34 -22.19
N SER A 101 -18.36 2.23 -22.26
CA SER A 101 -19.24 2.96 -21.37
C SER A 101 -19.14 2.41 -19.96
N ALA A 102 -19.33 3.29 -19.00
CA ALA A 102 -19.07 3.06 -17.59
C ALA A 102 -19.93 1.99 -16.93
N GLU A 103 -21.04 1.70 -17.54
CA GLU A 103 -21.97 0.70 -17.09
C GLU A 103 -21.29 -0.66 -17.00
N SER A 104 -20.52 -0.92 -17.88
CA SER A 104 -19.86 -2.19 -17.87
C SER A 104 -18.56 -2.28 -17.04
N LEU A 105 -17.99 -1.13 -16.68
CA LEU A 105 -16.78 -1.06 -15.89
C LEU A 105 -16.97 -0.15 -14.62
N PRO A 106 -17.56 -0.66 -13.57
CA PRO A 106 -17.90 0.18 -12.42
C PRO A 106 -16.70 0.59 -11.55
N PRO A 107 -16.90 1.58 -10.67
CA PRO A 107 -15.82 2.05 -9.80
C PRO A 107 -15.18 0.88 -9.09
N THR A 108 -13.89 0.95 -8.88
CA THR A 108 -13.20 -0.12 -8.26
C THR A 108 -12.05 0.39 -7.38
N LEU A 109 -11.84 -0.21 -6.25
CA LEU A 109 -10.79 0.16 -5.34
C LEU A 109 -9.37 -0.30 -5.76
N PHE A 110 -8.38 0.55 -5.65
CA PHE A 110 -7.00 0.13 -5.76
C PHE A 110 -6.06 0.90 -4.80
N LEU A 111 -4.84 0.47 -4.72
CA LEU A 111 -3.88 1.08 -3.84
C LEU A 111 -2.69 1.66 -4.60
N LYS A 112 -2.17 2.77 -4.10
CA LYS A 112 -0.88 3.29 -4.51
C LYS A 112 0.08 3.23 -3.29
N PRO A 113 1.32 2.83 -3.52
CA PRO A 113 2.31 2.73 -2.45
C PRO A 113 2.72 4.12 -1.96
N PRO A 114 3.05 4.24 -0.68
CA PRO A 114 3.55 5.50 -0.11
C PRO A 114 4.79 6.02 -0.82
N THR A 115 5.59 5.12 -1.39
CA THR A 115 6.76 5.49 -2.19
C THR A 115 6.43 6.18 -3.54
N ALA A 116 5.22 6.07 -4.01
CA ALA A 116 4.82 6.85 -5.15
C ALA A 116 4.59 8.35 -4.84
N VAL A 117 4.32 8.65 -3.58
CA VAL A 117 4.02 9.99 -3.17
C VAL A 117 5.20 10.93 -3.38
N THR A 118 4.93 12.09 -3.95
CA THR A 118 5.86 13.20 -4.03
C THR A 118 5.13 14.56 -3.83
N GLY A 119 5.89 15.62 -3.70
CA GLY A 119 5.34 16.93 -3.40
C GLY A 119 5.21 17.90 -4.56
N PRO A 120 4.69 19.09 -4.30
CA PRO A 120 4.65 20.13 -5.31
C PRO A 120 6.02 20.44 -5.89
N GLU A 121 6.06 20.56 -7.20
CA GLU A 121 7.24 20.96 -7.97
C GLU A 121 8.31 19.90 -8.10
N SER A 122 8.12 18.77 -7.44
CA SER A 122 9.03 17.67 -7.56
C SER A 122 8.77 16.89 -8.87
N PRO A 123 9.79 16.40 -9.48
CA PRO A 123 9.63 15.78 -10.80
C PRO A 123 8.89 14.45 -10.76
N ILE A 124 8.03 14.29 -11.75
CA ILE A 124 7.52 13.02 -12.13
C ILE A 124 8.56 12.36 -13.08
N ARG A 125 9.14 11.31 -12.58
CA ARG A 125 10.29 10.63 -13.21
CA ARG A 125 10.30 10.62 -13.18
C ARG A 125 9.77 9.43 -13.94
N ILE A 126 9.70 9.48 -15.24
CA ILE A 126 9.22 8.36 -16.01
C ILE A 126 10.32 7.34 -16.44
N PRO A 127 10.23 6.09 -15.98
CA PRO A 127 11.18 5.05 -16.39
C PRO A 127 10.95 4.67 -17.87
N SER A 128 11.97 4.21 -18.56
CA SER A 128 11.87 4.03 -20.01
C SER A 128 10.89 2.92 -20.36
N PHE A 129 10.65 2.02 -19.44
CA PHE A 129 9.70 0.95 -19.65
C PHE A 129 8.22 1.34 -19.46
N ALA A 130 7.96 2.53 -18.97
CA ALA A 130 6.64 3.05 -18.73
C ALA A 130 6.28 4.08 -19.78
N THR A 131 5.26 3.73 -20.54
CA THR A 131 4.80 4.47 -21.69
C THR A 131 3.31 4.88 -21.65
N LYS A 132 2.95 5.79 -22.51
CA LYS A 132 1.63 6.37 -22.47
C LYS A 132 1.25 6.72 -21.02
N VAL A 133 2.13 7.47 -20.38
CA VAL A 133 1.96 7.90 -18.99
C VAL A 133 1.09 9.15 -18.91
N GLU A 134 -0.10 9.03 -18.35
CA GLU A 134 -1.03 10.11 -18.23
C GLU A 134 -1.17 10.69 -16.84
N PHE A 135 -1.40 11.98 -16.77
CA PHE A 135 -1.85 12.63 -15.56
C PHE A 135 -3.31 12.28 -15.24
N GLU A 136 -3.70 12.51 -14.00
CA GLU A 136 -5.03 12.29 -13.53
C GLU A 136 -5.26 13.20 -12.30
N GLY A 137 -5.82 14.36 -12.52
CA GLY A 137 -6.13 15.24 -11.43
C GLY A 137 -7.32 14.70 -10.66
N GLU A 138 -7.18 14.61 -9.35
CA GLU A 138 -8.23 14.11 -8.48
C GLU A 138 -8.37 14.85 -7.14
N LEU A 139 -9.59 14.93 -6.68
CA LEU A 139 -9.85 15.39 -5.33
C LEU A 139 -9.36 14.30 -4.41
N ALA A 140 -8.60 14.71 -3.41
CA ALA A 140 -8.20 13.80 -2.34
C ALA A 140 -8.64 14.19 -0.92
N VAL A 141 -8.81 13.18 -0.12
CA VAL A 141 -9.26 13.32 1.23
C VAL A 141 -8.19 12.73 2.18
N VAL A 142 -7.87 13.47 3.23
CA VAL A 142 -6.91 13.04 4.20
C VAL A 142 -7.63 12.67 5.50
N ILE A 143 -7.44 11.44 5.91
CA ILE A 143 -8.14 10.87 7.02
C ILE A 143 -7.62 11.51 8.36
N GLY A 144 -8.53 11.90 9.20
CA GLY A 144 -8.23 12.53 10.48
C GLY A 144 -8.24 11.68 11.72
N LYS A 145 -9.03 10.63 11.69
CA LYS A 145 -9.06 9.72 12.79
C LYS A 145 -9.13 8.25 12.40
N PRO A 146 -8.71 7.35 13.29
CA PRO A 146 -8.80 5.94 12.97
C PRO A 146 -10.26 5.50 12.86
N CYS A 147 -10.56 4.76 11.80
CA CYS A 147 -11.94 4.42 11.56
C CYS A 147 -12.17 3.15 10.74
N LYS A 148 -13.32 2.54 10.98
CA LYS A 148 -13.76 1.33 10.39
C LYS A 148 -15.27 1.32 10.35
N ASN A 149 -15.82 0.73 9.30
CA ASN A 149 -17.24 0.60 9.13
C ASN A 149 -17.95 1.96 9.27
N VAL A 150 -17.43 2.95 8.59
CA VAL A 150 -18.02 4.24 8.65
C VAL A 150 -19.27 4.26 7.77
N LYS A 151 -20.34 4.86 8.27
CA LYS A 151 -21.57 5.04 7.54
C LYS A 151 -21.52 6.26 6.57
N ALA A 152 -22.09 6.15 5.38
CA ALA A 152 -21.97 7.22 4.43
C ALA A 152 -22.30 8.62 4.93
N ASP A 153 -23.41 8.81 5.58
CA ASP A 153 -23.64 10.18 6.02
C ASP A 153 -22.85 10.68 7.23
N ASP A 154 -22.01 9.84 7.77
CA ASP A 154 -21.06 10.21 8.76
C ASP A 154 -19.63 10.51 8.27
N TRP A 155 -19.46 10.61 6.97
CA TRP A 155 -18.15 10.79 6.44
C TRP A 155 -17.34 11.94 6.88
N LYS A 156 -17.92 13.13 6.99
CA LYS A 156 -17.15 14.29 7.44
C LYS A 156 -16.44 14.07 8.79
N SER A 157 -17.01 13.25 9.63
CA SER A 157 -16.48 13.01 10.96
C SER A 157 -15.07 12.40 10.99
N VAL A 158 -14.67 11.73 9.93
CA VAL A 158 -13.37 11.07 9.86
C VAL A 158 -12.31 11.74 9.00
N VAL A 159 -12.67 12.87 8.43
CA VAL A 159 -11.82 13.62 7.54
C VAL A 159 -11.07 14.80 8.17
N LEU A 160 -9.76 14.83 8.00
CA LEU A 160 -8.97 15.95 8.40
C LEU A 160 -9.19 17.13 7.43
N GLY A 161 -9.06 16.89 6.15
CA GLY A 161 -9.22 17.90 5.15
C GLY A 161 -9.05 17.33 3.78
N PHE A 162 -8.96 18.23 2.85
CA PHE A 162 -8.91 17.96 1.45
C PHE A 162 -7.55 18.40 0.89
N THR A 163 -7.05 17.68 -0.07
CA THR A 163 -5.93 18.08 -0.82
C THR A 163 -6.14 17.64 -2.33
N ILE A 164 -5.12 17.81 -3.08
CA ILE A 164 -5.13 17.39 -4.48
C ILE A 164 -4.20 16.20 -4.64
N ILE A 165 -4.55 15.28 -5.53
CA ILE A 165 -3.65 14.26 -5.97
C ILE A 165 -3.57 14.15 -7.55
N ASN A 166 -2.40 13.85 -8.05
CA ASN A 166 -2.19 13.51 -9.44
C ASN A 166 -1.96 11.97 -9.54
N ASP A 167 -2.95 11.24 -9.98
CA ASP A 167 -2.90 9.82 -9.99
C ASP A 167 -2.18 9.33 -11.28
N VAL A 168 -0.89 9.60 -11.36
CA VAL A 168 -0.14 9.30 -12.57
C VAL A 168 -0.18 7.80 -12.90
N SER A 169 -0.36 7.53 -14.20
CA SER A 169 -0.67 6.22 -14.69
C SER A 169 -0.10 5.90 -16.12
N SER A 170 0.67 4.84 -16.19
CA SER A 170 1.10 4.31 -17.45
C SER A 170 0.00 3.47 -18.05
N ARG A 171 -0.66 4.03 -19.03
CA ARG A 171 -1.74 3.30 -19.69
C ARG A 171 -1.24 1.98 -20.32
N ASP A 172 -0.11 1.98 -20.96
CA ASP A 172 0.45 0.75 -21.49
C ASP A 172 0.66 -0.34 -20.42
N LEU A 173 1.25 0.02 -19.29
CA LEU A 173 1.40 -0.93 -18.23
C LEU A 173 0.06 -1.39 -17.64
N GLN A 174 -0.88 -0.50 -17.47
CA GLN A 174 -2.19 -0.86 -16.96
C GLN A 174 -2.76 -2.00 -17.80
N PHE A 175 -2.77 -1.83 -19.11
CA PHE A 175 -3.27 -2.90 -19.95
C PHE A 175 -2.46 -4.20 -19.95
N ALA A 176 -1.16 -4.10 -20.09
CA ALA A 176 -0.30 -5.24 -20.15
C ALA A 176 -0.24 -6.04 -18.83
N ASP A 177 -0.24 -5.35 -17.71
CA ASP A 177 -0.15 -5.98 -16.43
C ASP A 177 -1.47 -6.60 -15.86
N GLY A 178 -2.60 -6.00 -16.18
CA GLY A 178 -3.92 -6.35 -15.64
C GLY A 178 -4.25 -5.69 -14.30
N GLN A 179 -3.41 -5.99 -13.32
CA GLN A 179 -3.45 -5.31 -12.07
C GLN A 179 -2.69 -3.99 -12.29
N TRP A 180 -3.36 -2.91 -11.96
CA TRP A 180 -2.86 -1.55 -12.12
C TRP A 180 -1.69 -1.11 -11.21
N ALA A 181 -1.40 -1.92 -10.22
CA ALA A 181 -0.49 -1.53 -9.17
C ALA A 181 0.83 -0.95 -9.66
N ARG A 182 1.52 -1.63 -10.55
CA ARG A 182 2.78 -1.17 -11.04
C ARG A 182 2.63 0.13 -11.87
N ALA A 183 1.63 0.12 -12.74
CA ALA A 183 1.30 1.21 -13.63
C ALA A 183 1.04 2.56 -12.89
N LYS A 184 0.47 2.44 -11.73
CA LYS A 184 0.11 3.55 -10.90
C LYS A 184 1.03 3.77 -9.67
N GLY A 185 1.97 2.88 -9.48
CA GLY A 185 2.75 2.81 -8.28
C GLY A 185 4.24 3.06 -8.39
N ILE A 186 4.71 3.39 -9.56
CA ILE A 186 6.08 3.75 -9.80
C ILE A 186 6.43 4.98 -8.94
N ASP A 187 7.63 5.00 -8.39
CA ASP A 187 8.13 6.11 -7.62
C ASP A 187 7.78 7.44 -8.32
N THR A 188 7.23 8.36 -7.56
CA THR A 188 6.85 9.72 -7.99
C THR A 188 5.49 9.81 -8.72
N PHE A 189 4.88 8.66 -8.97
CA PHE A 189 3.59 8.63 -9.67
C PHE A 189 2.37 9.13 -8.86
N GLY A 190 2.64 9.70 -7.69
CA GLY A 190 1.60 10.16 -6.82
C GLY A 190 1.86 11.51 -6.18
N PRO A 191 2.04 12.56 -6.95
CA PRO A 191 2.14 13.88 -6.34
C PRO A 191 0.85 14.22 -5.53
N ILE A 192 1.06 14.85 -4.37
CA ILE A 192 0.00 15.25 -3.49
C ILE A 192 0.33 16.67 -2.91
N GLY A 193 -0.70 17.47 -2.76
CA GLY A 193 -0.61 18.80 -2.22
C GLY A 193 -1.53 19.80 -2.90
N PRO A 194 -1.23 21.08 -2.78
CA PRO A 194 0.00 21.56 -2.13
C PRO A 194 -0.05 21.63 -0.60
N TRP A 195 -1.24 21.54 -0.04
CA TRP A 195 -1.46 21.52 1.41
C TRP A 195 -2.79 20.87 1.75
N ILE A 196 -3.10 20.73 3.00
CA ILE A 196 -4.37 20.14 3.40
C ILE A 196 -5.32 21.26 3.80
N GLU A 197 -6.44 21.36 3.12
CA GLU A 197 -7.45 22.34 3.49
C GLU A 197 -8.45 21.77 4.52
N THR A 198 -8.34 22.21 5.77
CA THR A 198 -9.22 21.72 6.82
C THR A 198 -10.59 22.32 6.88
N ASP A 199 -10.83 23.40 6.17
CA ASP A 199 -12.13 24.01 6.15
C ASP A 199 -13.10 23.27 5.23
N ILE A 200 -13.53 22.12 5.68
CA ILE A 200 -14.27 21.20 4.86
C ILE A 200 -15.58 21.72 4.33
N ASN A 201 -16.24 22.51 5.13
CA ASN A 201 -17.53 23.04 4.73
C ASN A 201 -17.47 24.21 3.78
N SER A 202 -16.31 24.76 3.56
CA SER A 202 -16.04 25.73 2.52
C SER A 202 -15.93 25.14 1.10
N ILE A 203 -16.08 23.84 1.00
CA ILE A 203 -15.94 23.11 -0.23
C ILE A 203 -17.27 22.43 -0.52
N ASP A 204 -17.85 22.69 -1.66
CA ASP A 204 -19.10 22.10 -2.01
C ASP A 204 -18.95 20.95 -3.00
N LEU A 205 -19.03 19.76 -2.50
CA LEU A 205 -18.92 18.60 -3.32
C LEU A 205 -19.98 18.47 -4.44
N ASP A 206 -21.13 19.12 -4.29
CA ASP A 206 -22.13 19.19 -5.36
C ASP A 206 -21.73 20.23 -6.41
N ASN A 207 -20.63 20.92 -6.17
CA ASN A 207 -20.15 21.93 -7.08
C ASN A 207 -18.71 22.34 -6.83
N LEU A 208 -17.77 21.51 -7.25
CA LEU A 208 -16.37 21.78 -7.06
C LEU A 208 -15.65 21.52 -8.38
N PRO A 209 -15.20 22.56 -9.05
CA PRO A 209 -14.50 22.34 -10.31
C PRO A 209 -13.18 21.61 -10.06
N ILE A 210 -12.79 20.82 -11.03
CA ILE A 210 -11.53 20.11 -11.05
C ILE A 210 -10.92 20.31 -12.44
N LYS A 211 -9.78 20.96 -12.48
CA LYS A 211 -9.09 21.26 -13.74
C LYS A 211 -7.64 20.80 -13.76
N ALA A 212 -7.13 20.65 -14.95
CA ALA A 212 -5.74 20.32 -15.21
C ALA A 212 -5.27 20.98 -16.47
N ARG A 213 -4.13 21.63 -16.37
CA ARG A 213 -3.45 22.29 -17.46
C ARG A 213 -2.06 21.68 -17.68
N LEU A 214 -1.86 21.24 -18.91
CA LEU A 214 -0.67 20.63 -19.37
C LEU A 214 0.13 21.62 -20.21
N THR A 215 1.34 21.84 -19.80
CA THR A 215 2.29 22.58 -20.61
C THR A 215 3.20 21.63 -21.41
N HIS A 216 3.14 21.75 -22.72
CA HIS A 216 3.88 20.95 -23.65
C HIS A 216 4.49 21.82 -24.74
N ASP A 217 5.81 21.74 -24.90
CA ASP A 217 6.54 22.52 -25.87
C ASP A 217 6.26 23.99 -25.73
N GLY A 218 6.29 24.46 -24.51
CA GLY A 218 6.05 25.85 -24.24
C GLY A 218 4.64 26.41 -24.37
N GLU A 219 3.66 25.57 -24.60
CA GLU A 219 2.29 25.99 -24.63
C GLU A 219 1.44 25.29 -23.59
N THR A 220 0.63 26.06 -22.91
CA THR A 220 -0.25 25.56 -21.89
C THR A 220 -1.69 25.45 -22.36
N GLN A 221 -2.28 24.28 -22.18
CA GLN A 221 -3.64 24.01 -22.49
C GLN A 221 -4.44 23.36 -21.36
N LEU A 222 -5.68 23.79 -21.23
CA LEU A 222 -6.65 23.19 -20.35
C LEU A 222 -7.11 21.84 -20.88
N LYS A 223 -6.86 20.80 -20.13
CA LYS A 223 -7.11 19.44 -20.49
C LYS A 223 -8.28 18.79 -19.77
N GLN A 224 -8.24 18.80 -18.45
CA GLN A 224 -9.38 18.42 -17.67
C GLN A 224 -10.12 19.68 -17.23
N ASP A 225 -11.45 19.65 -17.25
CA ASP A 225 -12.27 20.78 -16.87
C ASP A 225 -13.66 20.25 -16.56
N SER A 226 -13.80 19.76 -15.35
CA SER A 226 -14.97 19.06 -14.90
C SER A 226 -15.30 19.46 -13.44
N ASN A 227 -15.99 18.61 -12.74
CA ASN A 227 -16.55 18.94 -11.43
C ASN A 227 -16.81 17.69 -10.65
N SER A 228 -16.58 17.77 -9.36
CA SER A 228 -16.84 16.63 -8.49
C SER A 228 -18.29 16.13 -8.51
N ASN A 229 -19.22 17.00 -8.92
CA ASN A 229 -20.57 16.57 -9.08
C ASN A 229 -20.79 15.49 -10.14
N GLN A 230 -19.76 15.15 -10.90
CA GLN A 230 -19.81 14.07 -11.86
C GLN A 230 -19.41 12.70 -11.29
N MET A 231 -18.93 12.69 -10.04
CA MET A 231 -18.52 11.49 -9.41
C MET A 231 -19.63 10.46 -9.46
N ILE A 232 -19.32 9.25 -9.89
CA ILE A 232 -20.23 8.15 -9.83
C ILE A 232 -20.53 7.69 -8.38
N MET A 233 -19.54 7.25 -7.64
CA MET A 233 -19.67 7.07 -6.21
C MET A 233 -19.37 8.39 -5.48
N LYS A 234 -20.31 8.86 -4.67
CA LYS A 234 -20.19 10.07 -3.92
C LYS A 234 -19.28 9.91 -2.68
N MET A 235 -18.83 11.02 -2.15
CA MET A 235 -17.89 11.00 -1.08
C MET A 235 -18.27 10.06 0.08
N GLY A 236 -19.49 10.14 0.59
CA GLY A 236 -19.91 9.31 1.69
C GLY A 236 -19.84 7.83 1.35
N GLU A 237 -20.33 7.50 0.17
CA GLU A 237 -20.31 6.17 -0.33
C GLU A 237 -18.89 5.60 -0.44
N ILE A 238 -17.98 6.41 -0.90
CA ILE A 238 -16.57 6.05 -1.01
C ILE A 238 -16.03 5.63 0.36
N ILE A 239 -16.17 6.48 1.34
CA ILE A 239 -15.70 6.21 2.70
C ILE A 239 -16.35 4.95 3.32
N GLU A 240 -17.63 4.80 3.13
CA GLU A 240 -18.33 3.65 3.59
C GLU A 240 -17.80 2.35 2.89
N PHE A 241 -17.67 2.41 1.58
CA PHE A 241 -17.18 1.33 0.75
C PHE A 241 -15.76 0.90 1.18
N ILE A 242 -14.88 1.84 1.36
CA ILE A 242 -13.52 1.53 1.76
C ILE A 242 -13.43 0.96 3.19
N THR A 243 -14.04 1.65 4.15
CA THR A 243 -13.97 1.29 5.55
C THR A 243 -14.77 0.02 5.92
N ALA A 244 -15.65 -0.41 5.04
CA ALA A 244 -16.29 -1.68 5.23
C ALA A 244 -15.26 -2.79 5.12
N SER A 245 -14.21 -2.57 4.37
CA SER A 245 -13.13 -3.52 4.14
C SER A 245 -11.81 -3.30 4.90
N MET A 246 -11.42 -2.06 5.06
CA MET A 246 -10.13 -1.55 5.54
C MET A 246 -10.24 -0.46 6.60
N THR A 247 -9.50 -0.67 7.64
CA THR A 247 -9.30 0.37 8.59
C THR A 247 -8.49 1.49 7.94
N LEU A 248 -8.95 2.70 8.12
CA LEU A 248 -8.23 3.89 7.73
C LEU A 248 -7.65 4.61 8.96
N LEU A 249 -6.43 5.07 8.83
CA LEU A 249 -5.68 5.77 9.83
C LEU A 249 -5.38 7.23 9.49
N PRO A 250 -5.24 8.05 10.54
CA PRO A 250 -4.89 9.45 10.37
C PRO A 250 -3.75 9.54 9.41
N GLY A 251 -3.86 10.40 8.44
CA GLY A 251 -2.84 10.54 7.47
C GLY A 251 -3.05 9.78 6.17
N ASP A 252 -3.83 8.74 6.20
CA ASP A 252 -4.18 8.02 4.99
C ASP A 252 -4.83 8.92 3.96
N VAL A 253 -4.57 8.66 2.68
CA VAL A 253 -5.12 9.47 1.61
C VAL A 253 -6.06 8.67 0.71
N ILE A 254 -7.16 9.28 0.39
CA ILE A 254 -8.14 8.69 -0.45
C ILE A 254 -8.29 9.52 -1.71
N ALA A 255 -7.98 8.90 -2.83
CA ALA A 255 -8.10 9.50 -4.13
C ALA A 255 -9.50 9.22 -4.67
N THR A 256 -10.23 10.24 -5.04
CA THR A 256 -11.63 10.07 -5.39
C THR A 256 -11.99 9.86 -6.89
N GLY A 257 -10.99 9.79 -7.73
CA GLY A 257 -11.16 9.55 -9.14
C GLY A 257 -10.91 10.75 -10.03
N SER A 258 -10.52 10.47 -11.24
CA SER A 258 -10.21 11.45 -12.20
C SER A 258 -11.33 11.72 -13.24
N PRO A 259 -11.55 12.99 -13.50
CA PRO A 259 -12.44 13.41 -14.59
C PRO A 259 -11.85 13.11 -15.96
N ALA A 260 -12.66 13.31 -16.98
CA ALA A 260 -12.19 13.08 -18.34
C ALA A 260 -11.17 14.15 -18.70
N GLY A 261 -10.48 13.91 -19.78
CA GLY A 261 -9.55 14.84 -20.37
C GLY A 261 -8.06 14.58 -20.26
N THR A 262 -7.72 13.43 -19.75
CA THR A 262 -6.35 13.09 -19.48
C THR A 262 -5.60 12.71 -20.76
N GLU A 263 -4.33 13.02 -20.80
CA GLU A 263 -3.49 12.56 -21.89
C GLU A 263 -2.04 12.37 -21.48
N ALA A 264 -1.26 11.82 -22.37
CA ALA A 264 0.08 11.45 -22.08
C ALA A 264 0.99 12.63 -21.94
N MET A 265 1.95 12.46 -21.05
CA MET A 265 3.01 13.39 -20.85
C MET A 265 4.38 12.85 -21.25
N VAL A 266 5.28 13.74 -21.54
CA VAL A 266 6.62 13.37 -21.87
C VAL A 266 7.60 14.31 -21.18
N ASP A 267 8.86 13.89 -21.19
CA ASP A 267 9.98 14.64 -20.72
C ASP A 267 9.90 16.11 -21.14
N GLY A 268 9.99 17.00 -20.17
CA GLY A 268 9.90 18.42 -20.38
C GLY A 268 8.53 19.08 -20.16
N ASP A 269 7.47 18.28 -20.12
CA ASP A 269 6.17 18.79 -19.81
C ASP A 269 6.09 19.33 -18.34
N TYR A 270 5.04 20.07 -18.06
CA TYR A 270 4.70 20.50 -16.72
C TYR A 270 3.20 20.37 -16.60
N ILE A 271 2.74 19.69 -15.59
CA ILE A 271 1.33 19.43 -15.40
C ILE A 271 0.85 20.13 -14.13
N GLU A 272 -0.28 20.78 -14.22
CA GLU A 272 -0.79 21.55 -13.11
C GLU A 272 -2.29 21.32 -12.88
N ILE A 273 -2.56 20.66 -11.78
CA ILE A 273 -3.89 20.40 -11.29
C ILE A 273 -4.36 21.60 -10.43
N GLU A 274 -5.59 22.04 -10.66
CA GLU A 274 -6.28 23.09 -9.91
C GLU A 274 -7.66 22.68 -9.38
N ILE A 275 -7.84 22.83 -8.09
CA ILE A 275 -9.12 22.65 -7.46
C ILE A 275 -9.36 23.89 -6.62
N PRO A 276 -10.14 24.81 -7.19
CA PRO A 276 -10.48 26.08 -6.55
C PRO A 276 -11.01 25.86 -5.12
N GLY A 277 -10.54 26.59 -4.15
CA GLY A 277 -10.89 26.30 -2.78
C GLY A 277 -9.79 25.52 -2.09
N ILE A 278 -9.00 24.79 -2.86
CA ILE A 278 -7.83 24.10 -2.38
C ILE A 278 -6.52 24.77 -2.83
N GLY A 279 -6.31 24.79 -4.12
CA GLY A 279 -5.17 25.42 -4.71
C GLY A 279 -4.74 24.70 -5.99
N LYS A 280 -3.44 24.69 -6.22
CA LYS A 280 -2.77 24.16 -7.38
C LYS A 280 -1.61 23.20 -7.02
N LEU A 281 -1.53 22.12 -7.76
CA LEU A 281 -0.52 21.12 -7.64
C LEU A 281 0.18 20.95 -8.99
N GLY A 282 1.40 21.42 -9.05
CA GLY A 282 2.18 21.44 -10.25
C GLY A 282 3.46 20.64 -10.15
N ASN A 283 3.77 19.91 -11.21
CA ASN A 283 4.96 19.08 -11.25
C ASN A 283 5.62 19.02 -12.69
N PRO A 284 6.95 19.12 -12.79
CA PRO A 284 7.65 18.90 -14.04
C PRO A 284 7.72 17.41 -14.37
N VAL A 285 7.88 17.06 -15.63
CA VAL A 285 7.96 15.71 -16.05
C VAL A 285 9.36 15.52 -16.63
N VAL A 286 9.99 14.43 -16.23
CA VAL A 286 11.28 14.08 -16.76
C VAL A 286 11.45 12.60 -17.00
N ASP A 287 12.22 12.27 -18.03
CA ASP A 287 12.70 10.92 -18.24
C ASP A 287 13.58 10.47 -17.07
N ALA A 288 13.39 9.27 -16.58
CA ALA A 288 14.26 8.76 -15.55
C ALA A 288 15.35 7.90 -16.17
N HIS B 20 22.29 -14.07 12.32
CA HIS B 20 21.82 -15.36 12.00
C HIS B 20 20.67 -15.74 12.83
N MET B 21 20.12 -14.81 13.56
CA MET B 21 19.07 -15.10 14.48
C MET B 21 17.67 -15.15 13.81
N ARG B 22 16.67 -15.48 14.58
CA ARG B 22 15.30 -15.40 14.19
C ARG B 22 14.78 -14.21 14.96
N PHE B 23 14.25 -13.21 14.28
CA PHE B 23 13.66 -12.01 14.88
C PHE B 23 12.14 -12.02 14.93
N GLY B 24 11.57 -11.60 16.03
CA GLY B 24 10.15 -11.51 16.20
C GLY B 24 9.67 -10.25 16.87
N ARG B 25 8.39 -10.09 17.06
CA ARG B 25 7.85 -9.03 17.82
C ARG B 25 6.91 -9.65 18.84
N ILE B 26 6.94 -9.15 20.06
CA ILE B 26 6.07 -9.66 21.07
C ILE B 26 5.37 -8.59 21.85
N ALA B 27 4.34 -8.99 22.53
CA ALA B 27 3.60 -8.13 23.39
C ALA B 27 3.68 -8.67 24.76
N THR B 28 4.03 -7.86 25.71
CA THR B 28 4.01 -8.34 27.08
C THR B 28 2.99 -7.67 28.02
N PRO B 29 2.80 -8.32 29.15
CA PRO B 29 1.94 -7.79 30.19
C PRO B 29 2.39 -6.39 30.34
N ASP B 30 3.54 -6.09 29.77
CA ASP B 30 4.10 -4.75 29.83
C ASP B 30 3.85 -3.94 28.56
N GLY B 31 4.71 -4.16 27.56
CA GLY B 31 4.66 -3.52 26.25
C GLY B 31 5.37 -4.31 25.13
N MET B 32 5.50 -3.73 23.95
CA MET B 32 5.94 -4.48 22.79
C MET B 32 7.38 -4.32 22.48
N CYS B 33 7.95 -5.34 21.89
CA CYS B 33 9.29 -5.22 21.45
C CYS B 33 9.71 -6.21 20.41
N PHE B 34 10.75 -5.86 19.71
CA PHE B 34 11.50 -6.77 18.90
C PHE B 34 12.22 -7.72 19.80
N CYS B 35 12.54 -8.89 19.28
CA CYS B 35 13.23 -9.89 20.04
C CYS B 35 13.87 -10.85 19.10
N SER B 36 14.81 -11.62 19.62
CA SER B 36 15.29 -12.78 18.95
C SER B 36 14.50 -13.93 19.56
N ILE B 37 14.38 -15.02 18.82
CA ILE B 37 13.69 -16.20 19.26
C ILE B 37 14.70 -17.32 19.30
N GLU B 38 14.82 -17.93 20.46
CA GLU B 38 15.82 -18.95 20.65
C GLU B 38 15.23 -20.21 21.27
N GLY B 39 15.76 -21.32 20.87
CA GLY B 39 15.16 -22.56 21.30
C GLY B 39 15.07 -23.49 20.15
N GLU B 40 14.70 -24.72 20.42
CA GLU B 40 14.89 -25.75 19.44
C GLU B 40 13.75 -25.85 18.47
N GLY B 41 14.09 -26.01 17.21
CA GLY B 41 13.09 -26.24 16.22
C GLY B 41 12.08 -25.20 16.55
N ASP B 42 10.79 -25.55 16.48
CA ASP B 42 9.75 -24.55 16.63
C ASP B 42 8.53 -24.89 17.46
N ASP B 43 8.68 -25.19 18.74
CA ASP B 43 7.47 -25.30 19.54
C ASP B 43 7.44 -24.45 20.80
N VAL B 44 6.63 -23.39 20.78
CA VAL B 44 6.77 -22.27 21.71
C VAL B 44 7.04 -22.65 23.13
N ALA B 45 6.34 -23.68 23.57
CA ALA B 45 6.64 -24.24 24.85
C ALA B 45 8.15 -24.51 25.00
N ASN B 46 8.87 -24.64 23.91
CA ASN B 46 10.31 -24.85 23.97
C ASN B 46 11.09 -23.62 23.59
N LEU B 47 10.45 -22.47 23.61
CA LEU B 47 11.00 -21.29 23.00
C LEU B 47 11.11 -20.11 23.93
N THR B 48 12.21 -19.40 23.76
CA THR B 48 12.54 -18.23 24.54
C THR B 48 12.70 -16.98 23.68
N ALA B 49 12.14 -15.88 24.12
CA ALA B 49 12.22 -14.61 23.44
C ALA B 49 13.12 -13.61 24.16
N ARG B 50 14.26 -13.29 23.59
CA ARG B 50 15.21 -12.36 24.17
C ARG B 50 15.10 -10.97 23.60
N GLU B 51 14.64 -10.06 24.43
CA GLU B 51 14.51 -8.68 24.04
C GLU B 51 15.74 -8.06 23.39
N ILE B 52 15.53 -7.38 22.27
CA ILE B 52 16.58 -6.59 21.68
C ILE B 52 16.34 -5.09 21.90
N GLU B 53 17.39 -4.29 21.89
CA GLU B 53 17.22 -2.89 22.22
C GLU B 53 16.47 -2.16 21.13
N GLY B 54 17.04 -2.02 19.96
CA GLY B 54 16.34 -1.32 18.89
C GLY B 54 15.52 -2.17 17.88
N THR B 55 15.89 -2.13 16.60
CA THR B 55 15.20 -2.86 15.55
C THR B 55 16.08 -3.88 14.95
N PRO B 56 15.57 -4.74 14.11
CA PRO B 56 16.41 -5.77 13.53
C PRO B 56 17.37 -5.21 12.51
N PHE B 57 17.32 -3.93 12.23
CA PHE B 57 18.10 -3.44 11.13
C PHE B 57 19.60 -3.11 11.35
N THR B 58 20.04 -3.21 12.61
CA THR B 58 21.42 -3.14 13.04
C THR B 58 21.82 -4.25 14.03
N GLU B 59 23.11 -4.62 14.06
CA GLU B 59 23.61 -5.67 14.98
C GLU B 59 22.94 -5.55 16.31
N PRO B 60 22.48 -6.68 16.82
CA PRO B 60 21.55 -6.74 17.96
C PRO B 60 22.04 -6.21 19.30
N LYS B 61 21.35 -5.24 19.87
CA LYS B 61 21.65 -4.91 21.24
C LYS B 61 20.67 -5.56 22.20
N PHE B 62 21.03 -6.72 22.72
CA PHE B 62 20.23 -7.43 23.72
C PHE B 62 20.12 -6.74 25.05
N THR B 63 18.94 -6.69 25.65
CA THR B 63 18.80 -6.07 26.95
C THR B 63 19.27 -6.98 28.10
N GLY B 64 18.96 -8.25 28.01
CA GLY B 64 19.29 -9.17 29.04
C GLY B 64 18.01 -9.77 29.49
N ARG B 65 16.94 -9.08 29.18
CA ARG B 65 15.59 -9.56 29.43
C ARG B 65 15.16 -10.68 28.48
N GLU B 66 14.60 -11.74 29.02
CA GLU B 66 13.91 -12.78 28.31
C GLU B 66 12.63 -13.29 29.00
N TRP B 67 11.61 -13.62 28.20
CA TRP B 67 10.56 -14.48 28.61
C TRP B 67 10.54 -15.71 27.81
N PRO B 68 9.99 -16.79 28.34
CA PRO B 68 9.73 -17.95 27.52
C PRO B 68 8.54 -17.59 26.67
N LEU B 69 8.49 -18.13 25.48
CA LEU B 69 7.54 -17.71 24.47
C LEU B 69 6.11 -17.93 24.85
N LYS B 70 5.87 -19.02 25.55
CA LYS B 70 4.56 -19.35 25.98
C LYS B 70 4.00 -18.34 26.90
N ASP B 71 4.86 -17.52 27.48
CA ASP B 71 4.45 -16.59 28.50
C ASP B 71 4.07 -15.22 27.93
N VAL B 72 4.08 -15.11 26.63
CA VAL B 72 3.89 -13.85 25.95
C VAL B 72 3.20 -14.12 24.63
N ARG B 73 2.92 -13.09 23.87
CA ARG B 73 2.20 -13.27 22.64
C ARG B 73 3.02 -12.82 21.45
N LEU B 74 3.28 -13.72 20.54
CA LEU B 74 3.94 -13.43 19.29
C LEU B 74 3.09 -12.56 18.40
N LEU B 75 3.67 -11.52 17.84
CA LEU B 75 2.97 -10.65 16.92
C LEU B 75 3.49 -10.80 15.49
N ALA B 76 2.96 -10.07 14.52
CA ALA B 76 3.61 -10.00 13.23
C ALA B 76 5.01 -9.39 13.47
N PRO B 77 6.01 -9.96 12.82
CA PRO B 77 7.38 -9.64 13.12
C PRO B 77 7.84 -8.30 12.63
N MET B 78 6.99 -7.62 11.89
CA MET B 78 7.31 -6.37 11.29
C MET B 78 6.03 -5.57 11.01
N LEU B 79 6.15 -4.28 10.93
CA LEU B 79 5.07 -3.45 10.51
C LEU B 79 5.56 -2.78 9.19
N PRO B 80 5.32 -3.46 8.10
CA PRO B 80 5.86 -3.07 6.82
C PRO B 80 5.21 -1.76 6.33
N SER B 81 5.99 -0.90 5.72
CA SER B 81 5.45 0.27 5.08
C SER B 81 4.53 -0.18 3.91
N LYS B 82 4.86 -1.29 3.31
CA LYS B 82 4.03 -1.86 2.27
C LYS B 82 4.25 -3.34 2.07
N VAL B 83 3.28 -3.97 1.42
CA VAL B 83 3.35 -5.35 1.13
C VAL B 83 3.18 -5.48 -0.39
N VAL B 84 4.24 -5.84 -1.06
CA VAL B 84 4.32 -5.98 -2.50
C VAL B 84 4.28 -7.46 -2.81
N ALA B 85 3.38 -7.83 -3.67
CA ALA B 85 3.06 -9.20 -3.93
C ALA B 85 3.16 -9.55 -5.40
N ILE B 86 3.66 -10.72 -5.66
CA ILE B 86 3.66 -11.30 -6.98
C ILE B 86 2.44 -12.29 -7.11
N GLY B 87 1.54 -11.96 -7.98
CA GLY B 87 0.44 -12.83 -8.30
C GLY B 87 0.68 -13.74 -9.49
N ARG B 88 0.13 -14.93 -9.47
CA ARG B 88 0.29 -15.87 -10.56
C ARG B 88 1.73 -16.29 -10.77
N ASN B 89 2.42 -16.65 -9.71
CA ASN B 89 3.80 -17.08 -9.81
C ASN B 89 3.97 -18.59 -9.77
N TYR B 90 2.89 -19.34 -9.61
CA TYR B 90 2.97 -20.76 -9.66
C TYR B 90 1.96 -21.26 -10.76
N ALA B 91 2.46 -21.90 -11.80
CA ALA B 91 1.64 -22.33 -12.91
C ALA B 91 0.36 -23.09 -12.52
N ASP B 92 0.45 -24.02 -11.62
CA ASP B 92 -0.68 -24.85 -11.32
C ASP B 92 -1.73 -24.11 -10.49
N HIS B 93 -1.28 -23.10 -9.77
CA HIS B 93 -2.14 -22.25 -9.04
C HIS B 93 -2.92 -21.38 -9.99
N VAL B 94 -2.30 -20.88 -11.04
CA VAL B 94 -3.02 -20.18 -12.06
C VAL B 94 -4.19 -21.04 -12.64
N ALA B 95 -3.82 -22.25 -12.95
CA ALA B 95 -4.71 -23.25 -13.46
C ALA B 95 -5.91 -23.47 -12.53
N GLU B 96 -5.69 -23.71 -11.27
CA GLU B 96 -6.78 -23.98 -10.39
C GLU B 96 -7.69 -22.77 -10.11
N VAL B 97 -7.12 -21.57 -10.07
CA VAL B 97 -7.87 -20.36 -9.74
C VAL B 97 -8.64 -19.74 -10.91
N PHE B 98 -7.95 -19.54 -12.00
CA PHE B 98 -8.44 -18.95 -13.22
C PHE B 98 -8.93 -19.91 -14.30
N LYS B 99 -8.67 -21.18 -14.11
CA LYS B 99 -9.07 -22.17 -15.08
C LYS B 99 -8.47 -21.90 -16.48
N LYS B 100 -7.28 -21.33 -16.49
CA LYS B 100 -6.51 -21.16 -17.67
C LYS B 100 -5.08 -21.56 -17.48
N SER B 101 -4.42 -21.95 -18.55
CA SER B 101 -3.03 -22.24 -18.43
C SER B 101 -2.19 -20.98 -18.18
N ALA B 102 -1.08 -21.16 -17.52
CA ALA B 102 -0.34 -20.01 -17.06
C ALA B 102 0.24 -19.14 -18.17
N GLU B 103 0.45 -19.71 -19.34
CA GLU B 103 1.02 -18.95 -20.43
C GLU B 103 0.23 -17.68 -20.78
N SER B 104 -1.08 -17.72 -20.71
CA SER B 104 -1.90 -16.55 -20.97
C SER B 104 -1.97 -15.51 -19.81
N LEU B 105 -1.53 -15.88 -18.62
CA LEU B 105 -1.74 -15.09 -17.44
C LEU B 105 -0.49 -14.99 -16.61
N PRO B 106 0.45 -14.19 -17.07
CA PRO B 106 1.78 -14.09 -16.48
C PRO B 106 1.79 -13.44 -15.11
N PRO B 107 2.85 -13.64 -14.33
CA PRO B 107 2.94 -13.08 -13.00
C PRO B 107 2.80 -11.59 -13.07
N THR B 108 2.16 -11.02 -12.06
CA THR B 108 1.87 -9.64 -12.01
C THR B 108 1.96 -9.10 -10.58
N LEU B 109 2.37 -7.87 -10.46
CA LEU B 109 2.59 -7.19 -9.20
C LEU B 109 1.30 -6.59 -8.65
N PHE B 110 1.06 -6.79 -7.39
CA PHE B 110 0.02 -6.10 -6.66
C PHE B 110 0.46 -5.79 -5.20
N LEU B 111 -0.40 -5.04 -4.54
CA LEU B 111 -0.15 -4.54 -3.20
C LEU B 111 -1.19 -4.97 -2.19
N LYS B 112 -0.76 -5.30 -0.98
CA LYS B 112 -1.65 -5.45 0.15
C LYS B 112 -1.36 -4.30 1.14
N PRO B 113 -2.37 -3.71 1.69
CA PRO B 113 -2.22 -2.63 2.63
C PRO B 113 -1.67 -3.12 3.97
N PRO B 114 -0.93 -2.29 4.67
CA PRO B 114 -0.39 -2.64 5.96
C PRO B 114 -1.48 -3.04 6.95
N THR B 115 -2.65 -2.47 6.81
CA THR B 115 -3.78 -2.84 7.64
C THR B 115 -4.28 -4.29 7.48
N ALA B 116 -3.93 -4.95 6.41
CA ALA B 116 -4.24 -6.35 6.20
C ALA B 116 -3.42 -7.28 7.12
N VAL B 117 -2.23 -6.82 7.46
CA VAL B 117 -1.28 -7.56 8.24
C VAL B 117 -1.82 -7.93 9.60
N THR B 118 -1.63 -9.18 9.96
CA THR B 118 -1.87 -9.68 11.28
C THR B 118 -0.83 -10.76 11.67
N GLY B 119 -0.76 -11.12 12.94
CA GLY B 119 0.26 -12.06 13.38
C GLY B 119 -0.20 -13.49 13.63
N PRO B 120 0.73 -14.37 13.99
CA PRO B 120 0.41 -15.72 14.45
C PRO B 120 -0.73 -15.85 15.48
N GLU B 121 -1.63 -16.78 15.21
CA GLU B 121 -2.77 -17.11 16.06
C GLU B 121 -3.91 -16.08 16.06
N SER B 122 -3.67 -14.95 15.42
CA SER B 122 -4.69 -13.98 15.21
C SER B 122 -5.75 -14.39 14.24
N PRO B 123 -6.97 -14.05 14.55
CA PRO B 123 -8.05 -14.45 13.66
C PRO B 123 -8.06 -13.74 12.32
N ILE B 124 -8.31 -14.56 11.32
CA ILE B 124 -8.74 -14.10 10.05
C ILE B 124 -10.24 -13.85 10.11
N ARG B 125 -10.61 -12.58 10.02
CA ARG B 125 -12.07 -12.21 10.21
CA ARG B 125 -11.97 -12.01 10.24
C ARG B 125 -12.73 -11.77 8.93
N ILE B 126 -13.61 -12.63 8.48
CA ILE B 126 -14.17 -12.54 7.17
C ILE B 126 -15.48 -11.77 7.22
N PRO B 127 -15.58 -10.66 6.51
CA PRO B 127 -16.85 -9.95 6.46
C PRO B 127 -17.83 -10.66 5.58
N SER B 128 -19.09 -10.42 5.82
CA SER B 128 -20.15 -11.14 5.17
C SER B 128 -20.19 -10.95 3.67
N PHE B 129 -19.71 -9.83 3.18
CA PHE B 129 -19.69 -9.60 1.75
C PHE B 129 -18.50 -10.26 1.00
N ALA B 130 -17.59 -10.84 1.75
CA ALA B 130 -16.40 -11.50 1.26
C ALA B 130 -16.58 -13.02 1.21
N THR B 131 -16.82 -13.54 0.02
CA THR B 131 -17.13 -14.95 -0.20
C THR B 131 -16.06 -15.70 -1.01
N LYS B 132 -16.06 -17.01 -0.88
CA LYS B 132 -15.05 -17.86 -1.45
C LYS B 132 -13.62 -17.39 -1.10
N VAL B 133 -13.39 -17.28 0.19
CA VAL B 133 -12.15 -16.81 0.77
C VAL B 133 -11.17 -17.93 1.00
N GLU B 134 -10.10 -17.89 0.27
CA GLU B 134 -9.11 -18.93 0.28
C GLU B 134 -7.81 -18.46 0.95
N PHE B 135 -7.14 -19.39 1.57
CA PHE B 135 -5.78 -19.19 2.05
C PHE B 135 -4.82 -19.29 0.87
N GLU B 136 -3.61 -18.80 1.10
CA GLU B 136 -2.55 -18.80 0.14
C GLU B 136 -1.20 -18.73 0.89
N GLY B 137 -0.63 -19.85 1.20
CA GLY B 137 0.65 -19.88 1.82
C GLY B 137 1.74 -19.53 0.84
N GLU B 138 2.58 -18.60 1.27
CA GLU B 138 3.61 -18.07 0.46
C GLU B 138 4.92 -17.76 1.21
N LEU B 139 6.01 -17.98 0.52
CA LEU B 139 7.29 -17.52 0.98
C LEU B 139 7.33 -15.97 0.88
N ALA B 140 7.75 -15.36 1.95
CA ALA B 140 7.91 -13.91 2.00
C ALA B 140 9.36 -13.49 2.35
N VAL B 141 9.78 -12.39 1.79
CA VAL B 141 11.09 -11.85 1.98
C VAL B 141 10.96 -10.48 2.65
N VAL B 142 11.72 -10.26 3.70
CA VAL B 142 11.72 -9.00 4.38
C VAL B 142 12.95 -8.16 4.00
N ILE B 143 12.70 -6.99 3.50
CA ILE B 143 13.73 -6.12 3.02
C ILE B 143 14.51 -5.52 4.22
N GLY B 144 15.82 -5.44 4.08
CA GLY B 144 16.73 -4.98 5.12
C GLY B 144 17.47 -3.65 4.94
N LYS B 145 17.31 -3.07 3.77
CA LYS B 145 17.86 -1.82 3.41
C LYS B 145 17.09 -1.10 2.29
N PRO B 146 17.19 0.21 2.24
CA PRO B 146 16.62 0.94 1.11
C PRO B 146 17.21 0.47 -0.21
N CYS B 147 16.38 0.19 -1.18
CA CYS B 147 16.90 -0.26 -2.44
C CYS B 147 16.05 0.09 -3.63
N LYS B 148 16.71 0.34 -4.74
CA LYS B 148 16.11 0.72 -5.99
C LYS B 148 16.99 0.23 -7.14
N ASN B 149 16.38 -0.26 -8.20
CA ASN B 149 17.09 -0.70 -9.38
C ASN B 149 18.13 -1.82 -9.03
N VAL B 150 17.69 -2.78 -8.26
CA VAL B 150 18.52 -3.88 -7.87
C VAL B 150 18.67 -4.83 -9.04
N LYS B 151 19.86 -5.37 -9.24
CA LYS B 151 20.10 -6.36 -10.26
C LYS B 151 19.76 -7.73 -9.72
N ALA B 152 19.15 -8.53 -10.55
CA ALA B 152 18.77 -9.85 -10.15
C ALA B 152 19.83 -10.63 -9.37
N ASP B 153 21.03 -10.74 -9.89
CA ASP B 153 22.06 -11.55 -9.24
C ASP B 153 22.52 -10.98 -7.88
N ASP B 154 22.22 -9.75 -7.60
CA ASP B 154 22.59 -9.09 -6.37
C ASP B 154 21.48 -9.11 -5.32
N TRP B 155 20.45 -9.88 -5.57
CA TRP B 155 19.29 -9.89 -4.72
C TRP B 155 19.48 -10.09 -3.24
N LYS B 156 20.35 -10.97 -2.82
CA LYS B 156 20.54 -11.22 -1.41
C LYS B 156 21.04 -10.03 -0.61
N SER B 157 21.65 -9.10 -1.29
CA SER B 157 22.21 -7.94 -0.66
C SER B 157 21.15 -7.07 0.02
N VAL B 158 19.90 -7.17 -0.41
CA VAL B 158 18.84 -6.33 0.14
C VAL B 158 17.92 -7.00 1.17
N VAL B 159 18.11 -8.30 1.38
CA VAL B 159 17.22 -9.08 2.19
C VAL B 159 17.66 -9.22 3.64
N LEU B 160 16.81 -8.84 4.56
CA LEU B 160 17.07 -9.11 5.93
C LEU B 160 16.87 -10.58 6.25
N GLY B 161 15.73 -11.11 5.86
CA GLY B 161 15.34 -12.46 6.16
C GLY B 161 14.09 -12.94 5.40
N PHE B 162 13.74 -14.19 5.65
CA PHE B 162 12.53 -14.86 5.19
C PHE B 162 11.49 -15.08 6.26
N THR B 163 10.26 -15.02 5.86
CA THR B 163 9.16 -15.33 6.73
C THR B 163 8.03 -15.95 5.85
N ILE B 164 6.89 -16.17 6.45
CA ILE B 164 5.75 -16.73 5.80
C ILE B 164 4.65 -15.68 5.76
N ILE B 165 3.94 -15.66 4.67
CA ILE B 165 2.70 -14.95 4.57
C ILE B 165 1.53 -15.87 4.07
N ASN B 166 0.35 -15.57 4.56
CA ASN B 166 -0.88 -16.11 4.07
C ASN B 166 -1.62 -15.01 3.27
N ASP B 167 -1.57 -15.09 1.95
CA ASP B 167 -2.15 -14.09 1.12
C ASP B 167 -3.70 -14.34 1.00
N VAL B 168 -4.43 -14.12 2.08
CA VAL B 168 -5.86 -14.42 2.11
C VAL B 168 -6.61 -13.63 1.01
N SER B 169 -7.47 -14.31 0.26
CA SER B 169 -8.09 -13.78 -0.94
C SER B 169 -9.56 -14.20 -1.09
N SER B 170 -10.45 -13.24 -1.30
CA SER B 170 -11.82 -13.52 -1.64
C SER B 170 -11.89 -13.69 -3.16
N ARG B 171 -12.06 -14.92 -3.56
CA ARG B 171 -12.15 -15.23 -4.98
C ARG B 171 -13.31 -14.48 -5.65
N ASP B 172 -14.46 -14.50 -5.02
CA ASP B 172 -15.63 -13.81 -5.52
C ASP B 172 -15.40 -12.30 -5.70
N LEU B 173 -14.78 -11.65 -4.74
CA LEU B 173 -14.40 -10.24 -4.89
C LEU B 173 -13.37 -9.98 -5.99
N GLN B 174 -12.40 -10.88 -6.08
CA GLN B 174 -11.36 -10.79 -7.10
C GLN B 174 -11.96 -10.70 -8.49
N PHE B 175 -12.92 -11.56 -8.70
CA PHE B 175 -13.54 -11.65 -9.99
C PHE B 175 -14.51 -10.50 -10.28
N ALA B 176 -15.26 -10.12 -9.28
CA ALA B 176 -16.21 -9.05 -9.43
C ALA B 176 -15.57 -7.68 -9.61
N ASP B 177 -14.48 -7.46 -8.89
CA ASP B 177 -13.83 -6.16 -8.70
C ASP B 177 -12.83 -5.82 -9.83
N GLY B 178 -12.24 -6.85 -10.37
CA GLY B 178 -11.25 -6.73 -11.41
C GLY B 178 -9.88 -6.44 -10.82
N GLN B 179 -9.74 -5.31 -10.12
CA GLN B 179 -8.58 -5.09 -9.32
C GLN B 179 -8.73 -5.91 -8.06
N TRP B 180 -7.72 -6.68 -7.76
CA TRP B 180 -7.72 -7.55 -6.61
C TRP B 180 -7.59 -6.87 -5.24
N ALA B 181 -7.29 -5.60 -5.26
CA ALA B 181 -6.93 -4.87 -4.04
C ALA B 181 -7.85 -5.08 -2.83
N ARG B 182 -9.15 -4.96 -3.06
CA ARG B 182 -10.09 -5.10 -1.99
C ARG B 182 -10.15 -6.55 -1.50
N ALA B 183 -10.15 -7.45 -2.47
CA ALA B 183 -10.23 -8.87 -2.27
C ALA B 183 -9.12 -9.45 -1.40
N LYS B 184 -7.96 -8.85 -1.52
CA LYS B 184 -6.77 -9.26 -0.83
C LYS B 184 -6.37 -8.30 0.32
N GLY B 185 -7.06 -7.20 0.44
CA GLY B 185 -6.70 -6.15 1.36
C GLY B 185 -7.60 -5.84 2.56
N ILE B 186 -8.63 -6.63 2.77
CA ILE B 186 -9.47 -6.55 3.92
C ILE B 186 -8.60 -6.78 5.19
N ASP B 187 -8.92 -6.06 6.27
CA ASP B 187 -8.31 -6.24 7.58
C ASP B 187 -8.14 -7.73 7.89
N THR B 188 -6.95 -8.10 8.28
CA THR B 188 -6.58 -9.43 8.75
C THR B 188 -6.28 -10.45 7.65
N PHE B 189 -6.49 -10.03 6.39
CA PHE B 189 -6.21 -10.84 5.18
C PHE B 189 -4.70 -11.07 4.82
N GLY B 190 -3.81 -10.69 5.72
CA GLY B 190 -2.40 -10.90 5.58
C GLY B 190 -1.62 -11.30 6.82
N PRO B 191 -1.94 -12.45 7.38
CA PRO B 191 -1.09 -13.03 8.41
C PRO B 191 0.38 -13.16 7.96
N ILE B 192 1.31 -12.76 8.82
CA ILE B 192 2.74 -12.85 8.58
C ILE B 192 3.42 -13.34 9.84
N GLY B 193 4.36 -14.22 9.65
CA GLY B 193 5.12 -14.79 10.72
C GLY B 193 5.61 -16.17 10.40
N PRO B 194 6.04 -16.89 11.41
CA PRO B 194 5.95 -16.45 12.78
C PRO B 194 7.09 -15.52 13.25
N TRP B 195 8.17 -15.54 12.52
CA TRP B 195 9.36 -14.77 12.82
C TRP B 195 10.13 -14.63 11.59
N ILE B 196 11.20 -13.86 11.62
CA ILE B 196 12.02 -13.66 10.47
C ILE B 196 13.31 -14.47 10.64
N GLU B 197 13.50 -15.41 9.74
CA GLU B 197 14.68 -16.21 9.65
C GLU B 197 15.79 -15.50 8.87
N THR B 198 16.80 -15.03 9.59
CA THR B 198 17.84 -14.26 8.93
C THR B 198 18.98 -15.10 8.41
N ASP B 199 19.04 -16.37 8.74
CA ASP B 199 20.06 -17.27 8.20
C ASP B 199 19.69 -17.72 6.80
N ILE B 200 19.81 -16.78 5.88
CA ILE B 200 19.36 -16.87 4.50
C ILE B 200 19.98 -18.01 3.71
N ASN B 201 21.18 -18.37 4.10
CA ASN B 201 21.81 -19.38 3.38
C ASN B 201 21.46 -20.75 3.89
N SER B 202 20.78 -20.86 5.01
CA SER B 202 20.11 -22.09 5.35
C SER B 202 18.89 -22.46 4.48
N ILE B 203 18.45 -21.57 3.62
CA ILE B 203 17.23 -21.73 2.87
C ILE B 203 17.56 -21.81 1.40
N ASP B 204 17.28 -22.92 0.77
CA ASP B 204 17.60 -23.08 -0.60
C ASP B 204 16.38 -22.89 -1.49
N LEU B 205 16.34 -21.83 -2.23
CA LEU B 205 15.22 -21.54 -3.05
C LEU B 205 15.00 -22.53 -4.19
N ASP B 206 16.03 -23.25 -4.57
CA ASP B 206 15.84 -24.32 -5.53
C ASP B 206 15.27 -25.60 -4.91
N ASN B 207 15.19 -25.63 -3.60
CA ASN B 207 14.62 -26.74 -2.89
C ASN B 207 14.03 -26.37 -1.53
N LEU B 208 12.86 -25.77 -1.55
CA LEU B 208 12.22 -25.37 -0.34
C LEU B 208 10.73 -25.66 -0.41
N PRO B 209 10.28 -26.51 0.46
CA PRO B 209 8.91 -26.94 0.48
C PRO B 209 8.05 -25.86 1.05
N ILE B 210 6.87 -25.77 0.50
CA ILE B 210 5.82 -24.91 1.00
C ILE B 210 4.55 -25.79 1.17
N LYS B 211 4.03 -25.82 2.37
CA LYS B 211 2.88 -26.61 2.75
C LYS B 211 1.79 -25.83 3.45
N ALA B 212 0.58 -26.33 3.42
CA ALA B 212 -0.54 -25.76 4.11
C ALA B 212 -1.51 -26.83 4.56
N ARG B 213 -1.89 -26.78 5.82
CA ARG B 213 -2.82 -27.68 6.40
C ARG B 213 -4.05 -26.94 6.95
N LEU B 214 -5.21 -27.38 6.51
CA LEU B 214 -6.50 -26.80 6.83
C LEU B 214 -7.21 -27.74 7.76
N THR B 215 -7.59 -27.24 8.92
CA THR B 215 -8.44 -27.92 9.82
C THR B 215 -9.87 -27.49 9.61
N HIS B 216 -10.72 -28.41 9.25
CA HIS B 216 -12.11 -28.14 9.02
C HIS B 216 -12.97 -29.20 9.63
N ASP B 217 -13.99 -28.79 10.32
CA ASP B 217 -14.80 -29.63 11.15
C ASP B 217 -14.06 -30.61 12.01
N GLY B 218 -13.05 -30.14 12.70
CA GLY B 218 -12.23 -30.96 13.55
C GLY B 218 -11.22 -31.90 12.93
N GLU B 219 -11.07 -31.78 11.63
CA GLU B 219 -10.21 -32.66 10.92
C GLU B 219 -9.19 -31.92 10.04
N THR B 220 -7.96 -32.33 10.12
CA THR B 220 -6.87 -31.65 9.46
C THR B 220 -6.42 -32.36 8.19
N GLN B 221 -6.31 -31.62 7.10
CA GLN B 221 -5.81 -32.13 5.85
C GLN B 221 -4.78 -31.27 5.13
N LEU B 222 -3.86 -31.94 4.47
CA LEU B 222 -2.81 -31.29 3.74
C LEU B 222 -3.39 -30.75 2.46
N LYS B 223 -3.22 -29.46 2.21
CA LYS B 223 -3.82 -28.79 1.07
C LYS B 223 -2.88 -28.33 -0.05
N GLN B 224 -1.88 -27.52 0.33
CA GLN B 224 -0.72 -27.21 -0.48
C GLN B 224 0.45 -28.06 0.00
N ASP B 225 1.24 -28.50 -0.94
CA ASP B 225 2.35 -29.37 -0.74
C ASP B 225 3.18 -29.18 -1.98
N SER B 226 3.95 -28.12 -2.04
CA SER B 226 4.75 -27.83 -3.20
C SER B 226 6.13 -27.35 -2.75
N ASN B 227 6.80 -26.61 -3.61
CA ASN B 227 8.19 -26.20 -3.43
C ASN B 227 8.41 -24.89 -4.20
N SER B 228 9.18 -24.00 -3.61
CA SER B 228 9.59 -22.76 -4.21
C SER B 228 10.30 -22.94 -5.53
N ASN B 229 10.86 -24.11 -5.76
CA ASN B 229 11.41 -24.36 -7.07
C ASN B 229 10.43 -24.34 -8.23
N GLN B 230 9.14 -24.29 -7.92
CA GLN B 230 8.12 -24.14 -8.95
C GLN B 230 7.78 -22.66 -9.34
N MET B 231 8.44 -21.71 -8.72
CA MET B 231 8.22 -20.31 -9.04
C MET B 231 8.49 -20.01 -10.51
N ILE B 232 7.60 -19.27 -11.14
CA ILE B 232 7.83 -18.86 -12.50
C ILE B 232 8.89 -17.76 -12.56
N MET B 233 8.64 -16.71 -11.82
CA MET B 233 9.57 -15.66 -11.54
C MET B 233 10.37 -16.02 -10.30
N LYS B 234 11.66 -16.13 -10.48
CA LYS B 234 12.58 -16.50 -9.45
C LYS B 234 12.93 -15.28 -8.57
N MET B 235 13.48 -15.53 -7.39
CA MET B 235 13.75 -14.51 -6.38
C MET B 235 14.48 -13.26 -6.87
N GLY B 236 15.54 -13.45 -7.65
CA GLY B 236 16.31 -12.36 -8.14
C GLY B 236 15.53 -11.53 -9.15
N GLU B 237 14.84 -12.24 -10.03
CA GLU B 237 13.98 -11.63 -10.96
C GLU B 237 12.89 -10.78 -10.28
N ILE B 238 12.24 -11.31 -9.27
CA ILE B 238 11.21 -10.59 -8.52
C ILE B 238 11.73 -9.27 -7.96
N ILE B 239 12.86 -9.30 -7.29
CA ILE B 239 13.44 -8.11 -6.67
C ILE B 239 13.82 -7.08 -7.72
N GLU B 240 14.42 -7.51 -8.82
CA GLU B 240 14.77 -6.63 -9.91
C GLU B 240 13.51 -5.98 -10.56
N PHE B 241 12.52 -6.80 -10.85
CA PHE B 241 11.22 -6.39 -11.35
C PHE B 241 10.56 -5.32 -10.45
N ILE B 242 10.45 -5.59 -9.17
CA ILE B 242 9.81 -4.67 -8.26
C ILE B 242 10.57 -3.31 -8.14
N THR B 243 11.88 -3.41 -7.90
CA THR B 243 12.73 -2.25 -7.63
C THR B 243 13.07 -1.39 -8.86
N ALA B 244 12.80 -1.92 -10.05
CA ALA B 244 12.81 -1.14 -11.24
C ALA B 244 11.72 -0.07 -11.19
N SER B 245 10.63 -0.35 -10.49
CA SER B 245 9.46 0.51 -10.43
C SER B 245 9.37 1.26 -9.10
N MET B 246 9.58 0.57 -8.01
CA MET B 246 9.44 1.16 -6.70
C MET B 246 10.59 0.90 -5.73
N THR B 247 10.88 1.92 -4.99
CA THR B 247 11.81 1.85 -3.93
C THR B 247 11.25 1.01 -2.79
N LEU B 248 12.07 0.11 -2.30
CA LEU B 248 11.73 -0.71 -1.19
C LEU B 248 12.45 -0.23 0.08
N LEU B 249 11.83 -0.30 1.22
CA LEU B 249 12.39 0.14 2.46
C LEU B 249 12.53 -0.98 3.47
N PRO B 250 13.41 -0.75 4.44
CA PRO B 250 13.61 -1.74 5.48
C PRO B 250 12.28 -2.03 6.10
N GLY B 251 11.98 -3.29 6.17
CA GLY B 251 10.75 -3.74 6.76
C GLY B 251 9.67 -4.14 5.77
N ASP B 252 9.79 -3.69 4.53
CA ASP B 252 8.86 -4.03 3.46
C ASP B 252 8.84 -5.55 3.24
N VAL B 253 7.68 -6.05 2.88
CA VAL B 253 7.48 -7.48 2.66
C VAL B 253 7.11 -7.80 1.20
N ILE B 254 7.76 -8.80 0.67
CA ILE B 254 7.49 -9.27 -0.66
C ILE B 254 6.93 -10.70 -0.59
N ALA B 255 5.72 -10.84 -1.07
CA ALA B 255 5.03 -12.12 -1.11
C ALA B 255 5.35 -12.71 -2.48
N THR B 256 6.00 -13.85 -2.51
CA THR B 256 6.53 -14.43 -3.74
C THR B 256 5.60 -15.38 -4.52
N GLY B 257 4.37 -15.48 -4.07
CA GLY B 257 3.39 -16.28 -4.74
C GLY B 257 2.96 -17.56 -4.05
N SER B 258 1.76 -18.01 -4.37
CA SER B 258 1.21 -19.20 -3.82
C SER B 258 1.20 -20.41 -4.78
N PRO B 259 1.60 -21.55 -4.27
CA PRO B 259 1.48 -22.85 -4.96
C PRO B 259 0.04 -23.29 -5.06
N ALA B 260 -0.24 -24.30 -5.88
CA ALA B 260 -1.58 -24.84 -5.98
C ALA B 260 -2.04 -25.47 -4.72
N GLY B 261 -3.33 -25.77 -4.65
CA GLY B 261 -3.92 -26.47 -3.55
C GLY B 261 -4.80 -25.69 -2.61
N THR B 262 -5.10 -24.46 -2.97
CA THR B 262 -5.78 -23.55 -2.09
C THR B 262 -7.27 -23.86 -2.14
N GLU B 263 -7.95 -23.62 -1.05
CA GLU B 263 -9.38 -23.66 -1.08
C GLU B 263 -10.06 -22.82 0.01
N ALA B 264 -11.36 -22.76 -0.08
CA ALA B 264 -12.13 -21.85 0.68
C ALA B 264 -12.18 -22.19 2.15
N MET B 265 -12.29 -21.18 2.98
CA MET B 265 -12.37 -21.33 4.41
C MET B 265 -13.63 -20.73 5.00
N VAL B 266 -14.04 -21.25 6.12
CA VAL B 266 -15.21 -20.75 6.80
C VAL B 266 -14.98 -20.62 8.30
N ASP B 267 -15.83 -19.85 8.96
CA ASP B 267 -15.85 -19.67 10.40
C ASP B 267 -15.61 -21.00 11.12
N GLY B 268 -14.60 -21.06 11.97
CA GLY B 268 -14.32 -22.22 12.73
C GLY B 268 -13.10 -23.00 12.26
N ASP B 269 -12.77 -22.84 11.00
CA ASP B 269 -11.57 -23.40 10.44
C ASP B 269 -10.30 -22.89 11.11
N TYR B 270 -9.20 -23.61 10.90
CA TYR B 270 -7.85 -23.21 11.22
C TYR B 270 -6.91 -23.57 10.10
N ILE B 271 -6.07 -22.62 9.73
CA ILE B 271 -5.19 -22.75 8.60
C ILE B 271 -3.76 -22.60 9.04
N GLU B 272 -2.91 -23.52 8.62
CA GLU B 272 -1.54 -23.51 9.04
C GLU B 272 -0.61 -23.75 7.89
N ILE B 273 0.15 -22.71 7.59
CA ILE B 273 1.17 -22.70 6.59
C ILE B 273 2.48 -23.16 7.22
N GLU B 274 3.20 -24.05 6.55
CA GLU B 274 4.51 -24.54 6.94
C GLU B 274 5.59 -24.40 5.87
N ILE B 275 6.71 -23.81 6.28
CA ILE B 275 7.85 -23.74 5.45
C ILE B 275 9.04 -24.16 6.29
N PRO B 276 9.53 -25.37 6.02
CA PRO B 276 10.61 -25.98 6.79
C PRO B 276 11.85 -25.14 6.68
N GLY B 277 12.52 -24.89 7.77
CA GLY B 277 13.58 -23.93 7.79
C GLY B 277 13.16 -22.55 8.30
N ILE B 278 11.87 -22.29 8.34
CA ILE B 278 11.32 -21.05 8.87
C ILE B 278 10.42 -21.37 10.04
N GLY B 279 9.36 -22.08 9.79
CA GLY B 279 8.47 -22.55 10.82
C GLY B 279 7.06 -22.63 10.35
N LYS B 280 6.13 -22.39 11.24
CA LYS B 280 4.71 -22.49 10.97
C LYS B 280 3.91 -21.24 11.24
N LEU B 281 2.96 -20.95 10.38
CA LEU B 281 2.10 -19.78 10.55
C LEU B 281 0.63 -20.17 10.63
N GLY B 282 0.07 -20.10 11.80
CA GLY B 282 -1.28 -20.57 12.03
C GLY B 282 -2.24 -19.50 12.47
N ASN B 283 -3.48 -19.63 12.02
CA ASN B 283 -4.54 -18.71 12.31
C ASN B 283 -5.92 -19.37 12.27
N PRO B 284 -6.69 -19.09 13.30
CA PRO B 284 -8.12 -19.35 13.30
C PRO B 284 -8.88 -18.43 12.35
N VAL B 285 -10.01 -18.89 11.90
CA VAL B 285 -10.86 -18.19 10.98
C VAL B 285 -12.20 -17.98 11.63
N VAL B 286 -12.69 -16.75 11.57
CA VAL B 286 -13.98 -16.38 12.08
C VAL B 286 -14.78 -15.41 11.20
N ASP B 287 -16.08 -15.41 11.35
CA ASP B 287 -16.85 -14.32 10.74
C ASP B 287 -16.59 -13.02 11.51
N ALA B 288 -16.54 -11.90 10.82
CA ALA B 288 -16.35 -10.64 11.49
C ALA B 288 -17.61 -10.25 12.20
MG MG C . -7.13 7.65 -10.70
C1 OXL D . -9.52 6.74 -12.21
C2 OXL D . -8.60 5.65 -12.16
O1 OXL D . -10.51 6.53 -12.82
O2 OXL D . -8.90 4.72 -12.89
O3 OXL D . -9.25 7.80 -11.67
O4 OXL D . -7.61 5.71 -11.44
MG MG E . -0.80 -14.61 -3.59
C1 OXL F . -0.95 -15.66 -6.33
C2 OXL F . -1.82 -14.53 -6.34
O1 OXL F . -0.84 -16.20 -7.38
O2 OXL F . -1.96 -13.89 -5.31
O3 OXL F . -0.35 -15.96 -5.30
O4 OXL F . -2.32 -14.29 -7.44
MG MG G . -20.04 -26.18 8.19
#